data_7XS0
#
_entry.id   7XS0
#
_cell.length_a   139.506
_cell.length_b   139.506
_cell.length_c   191.374
_cell.angle_alpha   90.000
_cell.angle_beta   90.000
_cell.angle_gamma   120.000
#
_symmetry.space_group_name_H-M   'H 3 2'
#
loop_
_entity.id
_entity.type
_entity.pdbx_description
1 polymer 'Periplasmic serine endoprotease DegP-like'
2 polymer UNK-UNK-UNK
3 water water
#
loop_
_entity_poly.entity_id
_entity_poly.type
_entity_poly.pdbx_seq_one_letter_code
_entity_poly.pdbx_strand_id
1 'polypeptide(L)'
;MGHHHHHHSYHDSIKDSIKAVVNISTEKKIKNNFIGGGVFNDPFFQQFFGDLGGMIPKERMERALGSGVIISKDGYIVTN
NHVIDGADKIKVTIPGSNKEYSATLVGTDSESDLAVIRITKDNLPTIKFSDSNDISVGDLVFAIGNPFGVGESVTQGIVS
ALNKSGIGINSYENFIQTDASINPGNSGGALIDSRGGLVGINTAIISKTGGNHGIGFAIPSNMVKDTVTQLIKTGKIERG
YLGVGLQDLSGDLQNSYDNKEGAVVISVEKDSPAKKAGILVWDLITEVNGKKVKNTNELRNLIGSMLPNQRVTLKVIRDK
KERAFTLTLAERKNPNKKETISAQNGAQGQLNGLQVEDLTQETKRSMRLSDDVQGVLVSQVNENSPAEQAGFRQGNIITK
IEEVEVKSVADFNHALEKYKGKPKRFLVLDLNQGYRIILVK
;
A
2 'polypeptide(L)' (UNK)(UNK)(UNK) B
#
# COMPACT_ATOMS: atom_id res chain seq x y z
N HIS A 4 -5.07 25.48 33.47
CA HIS A 4 -4.39 24.50 32.63
C HIS A 4 -4.23 25.05 31.20
N HIS A 5 -3.23 24.55 30.49
CA HIS A 5 -2.93 25.07 29.15
C HIS A 5 -4.08 24.80 28.18
N HIS A 6 -4.77 23.67 28.33
CA HIS A 6 -5.75 23.23 27.34
C HIS A 6 -7.09 23.96 27.41
N HIS A 7 -7.28 24.87 28.36
CA HIS A 7 -8.48 25.69 28.33
C HIS A 7 -8.48 26.63 27.14
N HIS A 8 -7.30 26.95 26.60
CA HIS A 8 -7.17 27.99 25.59
C HIS A 8 -6.38 27.51 24.38
N SER A 9 -5.50 26.52 24.56
CA SER A 9 -4.63 26.12 23.48
C SER A 9 -4.08 24.72 23.73
N TYR A 10 -3.75 24.04 22.63
CA TYR A 10 -3.05 22.77 22.67
C TYR A 10 -1.65 22.89 22.09
N HIS A 11 -1.16 24.11 21.86
CA HIS A 11 0.08 24.31 21.12
C HIS A 11 1.28 23.71 21.85
N ASP A 12 1.38 23.94 23.16
CA ASP A 12 2.54 23.43 23.89
C ASP A 12 2.57 21.91 23.92
N SER A 13 1.40 21.27 23.85
CA SER A 13 1.32 19.82 23.88
C SER A 13 1.68 19.18 22.53
N ILE A 14 1.60 19.92 21.44
CA ILE A 14 1.77 19.34 20.11
C ILE A 14 2.96 19.92 19.36
N LYS A 15 3.61 20.94 19.91
CA LYS A 15 4.68 21.65 19.20
C LYS A 15 5.87 20.73 18.90
N ASP A 16 6.25 19.87 19.84
CA ASP A 16 7.36 18.96 19.61
C ASP A 16 7.01 17.91 18.55
N SER A 17 5.76 17.43 18.55
CA SER A 17 5.34 16.48 17.53
C SER A 17 5.34 17.10 16.15
N ILE A 18 4.95 18.39 16.07
CA ILE A 18 4.91 19.07 14.77
C ILE A 18 6.29 19.06 14.12
N LYS A 19 7.35 19.15 14.93
CA LYS A 19 8.71 19.18 14.39
C LYS A 19 9.05 17.92 13.60
N ALA A 20 8.38 16.80 13.89
CA ALA A 20 8.73 15.51 13.32
C ALA A 20 7.93 15.14 12.09
N VAL A 21 7.03 16.00 11.62
CA VAL A 21 6.18 15.69 10.48
C VAL A 21 6.74 16.40 9.26
N VAL A 22 7.16 15.62 8.28
CA VAL A 22 7.87 16.12 7.11
C VAL A 22 6.95 16.11 5.90
N ASN A 23 7.36 16.81 4.86
CA ASN A 23 6.71 16.73 3.55
C ASN A 23 7.51 15.87 2.59
N ILE A 24 6.78 15.21 1.70
CA ILE A 24 7.33 14.31 0.70
C ILE A 24 6.84 14.77 -0.67
N SER A 25 7.78 14.96 -1.61
CA SER A 25 7.51 15.56 -2.90
C SER A 25 8.34 14.85 -3.97
N THR A 26 8.16 15.29 -5.21
CA THR A 26 8.86 14.80 -6.40
C THR A 26 9.66 15.94 -7.04
N GLU A 27 10.20 15.67 -8.23
CA GLU A 27 10.75 16.67 -9.14
C GLU A 27 11.65 17.71 -8.51
N LYS A 58 1.69 27.14 -1.58
CA LYS A 58 1.76 28.61 -1.66
C LYS A 58 3.13 29.15 -2.18
N GLU A 59 3.47 28.90 -3.45
CA GLU A 59 2.71 28.05 -4.37
C GLU A 59 3.65 27.36 -5.35
N ARG A 60 3.09 26.62 -6.31
CA ARG A 60 3.79 25.88 -7.36
C ARG A 60 4.45 24.60 -6.81
N MET A 61 4.55 24.45 -5.49
CA MET A 61 5.43 23.44 -4.93
C MET A 61 4.77 22.05 -4.90
N GLU A 62 3.79 21.83 -5.79
CA GLU A 62 3.05 20.57 -5.85
C GLU A 62 2.84 20.10 -7.28
N ARG A 63 3.27 18.86 -7.61
CA ARG A 63 4.49 18.22 -7.11
C ARG A 63 4.68 17.74 -5.65
N ALA A 64 3.62 17.86 -4.89
CA ALA A 64 3.60 17.45 -3.50
C ALA A 64 2.91 16.11 -3.45
N LEU A 65 3.54 15.17 -2.76
CA LEU A 65 2.99 13.84 -2.56
C LEU A 65 2.24 13.71 -1.25
N GLY A 66 2.82 14.21 -0.16
CA GLY A 66 2.10 14.09 1.11
C GLY A 66 3.01 14.35 2.29
N SER A 67 2.65 13.72 3.40
CA SER A 67 3.37 13.87 4.66
C SER A 67 4.05 12.56 5.06
N GLY A 68 4.98 12.70 6.02
CA GLY A 68 5.65 11.57 6.61
C GLY A 68 6.01 11.93 8.03
N VAL A 69 6.46 10.94 8.79
CA VAL A 69 6.79 11.13 10.20
C VAL A 69 8.20 10.58 10.45
N ILE A 70 9.03 11.36 11.12
CA ILE A 70 10.37 10.91 11.49
C ILE A 70 10.25 10.02 12.72
N ILE A 71 10.81 8.82 12.64
CA ILE A 71 10.71 7.86 13.73
C ILE A 71 12.05 7.50 14.37
N SER A 72 13.17 7.72 13.69
CA SER A 72 14.47 7.48 14.31
C SER A 72 15.39 8.67 14.02
N LYS A 73 16.30 8.95 14.97
CA LYS A 73 17.31 9.97 14.75
C LYS A 73 18.26 9.59 13.63
N ASP A 74 18.30 8.30 13.26
CA ASP A 74 19.11 7.86 12.13
C ASP A 74 18.63 8.44 10.81
N GLY A 75 17.34 8.78 10.71
CA GLY A 75 16.81 9.35 9.49
C GLY A 75 15.72 8.55 8.82
N TYR A 76 15.11 7.60 9.54
CA TYR A 76 14.03 6.80 9.01
C TYR A 76 12.70 7.52 9.15
N ILE A 77 11.90 7.49 8.09
CA ILE A 77 10.63 8.20 8.02
C ILE A 77 9.58 7.23 7.54
N VAL A 78 8.40 7.26 8.18
CA VAL A 78 7.27 6.42 7.83
C VAL A 78 6.23 7.26 7.10
N THR A 79 5.57 6.64 6.13
CA THR A 79 4.49 7.28 5.39
C THR A 79 3.56 6.21 4.83
N ASN A 80 2.54 6.64 4.10
CA ASN A 80 1.72 5.69 3.39
C ASN A 80 2.43 5.20 2.13
N ASN A 81 2.07 4.01 1.69
CA ASN A 81 2.56 3.48 0.42
C ASN A 81 2.07 4.31 -0.74
N HIS A 82 0.79 4.73 -0.71
CA HIS A 82 0.23 5.41 -1.85
C HIS A 82 0.78 6.83 -2.00
N VAL A 83 1.37 7.38 -0.94
CA VAL A 83 1.98 8.70 -1.04
C VAL A 83 3.20 8.65 -1.97
N ILE A 84 4.03 7.61 -1.83
CA ILE A 84 5.25 7.49 -2.62
C ILE A 84 5.09 6.51 -3.77
N ASP A 85 3.87 6.04 -4.03
CA ASP A 85 3.66 4.96 -5.00
C ASP A 85 4.13 5.38 -6.39
N GLY A 86 3.57 6.46 -6.91
CA GLY A 86 3.95 6.94 -8.23
C GLY A 86 5.07 7.96 -8.18
N ALA A 87 6.24 7.55 -7.68
CA ALA A 87 7.36 8.48 -7.58
C ALA A 87 8.66 7.71 -7.41
N ASP A 88 9.59 7.92 -8.33
CA ASP A 88 11.01 7.83 -8.01
C ASP A 88 11.43 9.20 -7.50
N LYS A 89 12.73 9.39 -7.27
CA LYS A 89 13.32 10.67 -6.86
C LYS A 89 12.51 11.35 -5.75
N ILE A 90 12.43 10.67 -4.61
CA ILE A 90 11.62 11.15 -3.49
C ILE A 90 12.40 12.22 -2.74
N LYS A 91 11.75 13.37 -2.50
CA LYS A 91 12.37 14.49 -1.82
C LYS A 91 11.64 14.76 -0.51
N VAL A 92 12.39 15.06 0.54
CA VAL A 92 11.84 15.25 1.89
C VAL A 92 12.17 16.65 2.35
N THR A 93 11.17 17.36 2.86
CA THR A 93 11.32 18.68 3.47
C THR A 93 11.00 18.58 4.95
N ILE A 94 11.96 18.99 5.79
CA ILE A 94 11.85 18.91 7.24
C ILE A 94 11.45 20.30 7.75
N PRO A 95 10.62 20.40 8.79
CA PRO A 95 10.29 21.72 9.35
C PRO A 95 11.55 22.48 9.76
N GLY A 96 11.59 23.75 9.37
CA GLY A 96 12.75 24.60 9.64
C GLY A 96 14.02 24.20 8.92
N SER A 97 13.93 23.83 7.64
CA SER A 97 15.11 23.38 6.90
C SER A 97 15.41 24.21 5.66
N ASN A 98 14.42 24.45 4.81
CA ASN A 98 14.53 25.06 3.49
C ASN A 98 15.31 24.20 2.51
N LYS A 99 15.83 23.05 2.93
CA LYS A 99 16.68 22.21 2.10
C LYS A 99 15.99 20.88 1.91
N GLU A 100 15.83 20.46 0.66
CA GLU A 100 15.22 19.18 0.35
C GLU A 100 16.28 18.09 0.40
N TYR A 101 15.96 16.97 1.05
CA TYR A 101 16.91 15.87 1.14
C TYR A 101 16.38 14.71 0.30
N SER A 102 17.26 14.12 -0.51
CA SER A 102 16.89 12.94 -1.27
C SER A 102 16.68 11.76 -0.34
N ALA A 103 15.64 10.98 -0.60
CA ALA A 103 15.31 9.82 0.21
C ALA A 103 15.34 8.56 -0.67
N THR A 104 15.81 7.47 -0.09
CA THR A 104 15.77 6.17 -0.74
C THR A 104 14.74 5.30 -0.05
N LEU A 105 14.08 4.45 -0.85
CA LEU A 105 12.97 3.63 -0.37
C LEU A 105 13.51 2.43 0.40
N VAL A 106 13.36 2.47 1.72
CA VAL A 106 13.79 1.33 2.55
C VAL A 106 12.86 0.14 2.35
N GLY A 107 11.56 0.38 2.35
CA GLY A 107 10.62 -0.73 2.18
C GLY A 107 9.18 -0.26 2.05
N THR A 108 8.36 -1.15 1.49
CA THR A 108 6.93 -0.89 1.30
C THR A 108 6.11 -2.09 1.73
N ASP A 109 4.86 -1.82 2.13
CA ASP A 109 3.86 -2.83 2.44
C ASP A 109 2.55 -2.29 1.89
N SER A 110 2.13 -2.83 0.74
CA SER A 110 0.93 -2.33 0.06
C SER A 110 -0.35 -2.73 0.79
N GLU A 111 -0.39 -3.93 1.38
CA GLU A 111 -1.58 -4.34 2.14
C GLU A 111 -1.86 -3.41 3.32
N SER A 112 -0.81 -3.01 4.06
CA SER A 112 -1.01 -2.08 5.17
C SER A 112 -0.87 -0.62 4.76
N ASP A 113 -0.61 -0.36 3.47
CA ASP A 113 -0.41 1.00 2.95
C ASP A 113 0.62 1.76 3.78
N LEU A 114 1.75 1.11 4.04
CA LEU A 114 2.83 1.72 4.80
C LEU A 114 4.13 1.63 4.01
N ALA A 115 5.03 2.55 4.32
CA ALA A 115 6.32 2.57 3.65
C ALA A 115 7.32 3.30 4.54
N VAL A 116 8.57 2.89 4.43
CA VAL A 116 9.68 3.49 5.17
C VAL A 116 10.71 3.97 4.16
N ILE A 117 11.12 5.24 4.30
CA ILE A 117 12.17 5.84 3.51
C ILE A 117 13.25 6.35 4.44
N ARG A 118 14.40 6.70 3.86
CA ARG A 118 15.60 7.05 4.63
C ARG A 118 16.21 8.32 4.05
N ILE A 119 16.58 9.25 4.93
CA ILE A 119 17.40 10.39 4.55
C ILE A 119 18.66 10.38 5.40
N THR A 120 19.70 11.03 4.89
CA THR A 120 20.99 11.09 5.57
C THR A 120 21.09 12.41 6.34
N LYS A 121 20.85 12.33 7.65
CA LYS A 121 20.96 13.47 8.56
C LYS A 121 20.90 12.94 9.99
N ASP A 122 21.49 13.71 10.91
CA ASP A 122 21.59 13.30 12.30
C ASP A 122 20.92 14.31 13.22
N ASN A 123 20.67 13.87 14.45
CA ASN A 123 20.07 14.69 15.50
C ASN A 123 18.72 15.23 15.05
N LEU A 124 17.99 14.42 14.30
CA LEU A 124 16.65 14.78 13.86
C LEU A 124 15.65 14.72 15.02
N PRO A 125 14.60 15.52 14.97
CA PRO A 125 13.51 15.34 15.93
C PRO A 125 12.68 14.11 15.57
N THR A 126 12.39 13.28 16.57
CA THR A 126 11.67 12.04 16.34
C THR A 126 10.32 12.07 17.05
N ILE A 127 9.38 11.33 16.52
CA ILE A 127 8.08 11.18 17.16
C ILE A 127 8.19 10.13 18.26
N LYS A 128 7.37 10.31 19.30
CA LYS A 128 7.31 9.38 20.41
C LYS A 128 6.02 8.57 20.31
N PHE A 129 6.13 7.25 20.35
CA PHE A 129 4.94 6.43 20.15
C PHE A 129 4.15 6.29 21.44
N SER A 130 2.82 6.28 21.30
CA SER A 130 1.89 5.91 22.34
C SER A 130 1.32 4.53 22.06
N ASP A 131 0.79 3.90 23.09
CA ASP A 131 0.16 2.59 22.96
C ASP A 131 -1.22 2.78 22.32
N SER A 132 -1.41 2.24 21.12
CA SER A 132 -2.65 2.40 20.38
C SER A 132 -3.77 1.49 20.89
N ASN A 133 -3.46 0.54 21.78
CA ASN A 133 -4.48 -0.27 22.43
C ASN A 133 -4.90 0.31 23.78
N ASP A 134 -4.38 1.48 24.15
CA ASP A 134 -4.77 2.16 25.39
C ASP A 134 -5.48 3.47 25.09
N ILE A 135 -6.00 3.64 23.88
CA ILE A 135 -6.77 4.81 23.51
C ILE A 135 -8.25 4.46 23.58
N SER A 136 -9.07 5.49 23.75
CA SER A 136 -10.51 5.32 23.94
C SER A 136 -11.27 6.28 23.04
N VAL A 137 -12.50 5.90 22.70
CA VAL A 137 -13.38 6.81 21.99
C VAL A 137 -13.65 8.02 22.87
N GLY A 138 -13.44 9.21 22.32
CA GLY A 138 -13.57 10.43 23.08
C GLY A 138 -12.24 11.06 23.49
N ASP A 139 -11.13 10.35 23.31
CA ASP A 139 -9.81 10.94 23.53
C ASP A 139 -9.58 12.06 22.52
N LEU A 140 -8.99 13.16 22.98
CA LEU A 140 -8.58 14.21 22.07
C LEU A 140 -7.42 13.74 21.20
N VAL A 141 -7.49 14.04 19.90
CA VAL A 141 -6.44 13.70 18.95
C VAL A 141 -6.25 14.87 17.99
N PHE A 142 -5.05 14.96 17.43
CA PHE A 142 -4.77 15.98 16.43
C PHE A 142 -4.05 15.32 15.27
N ALA A 143 -4.47 15.66 14.06
CA ALA A 143 -3.85 15.17 12.83
C ALA A 143 -2.89 16.24 12.31
N ILE A 144 -1.63 15.88 12.14
CA ILE A 144 -0.57 16.77 11.71
C ILE A 144 -0.11 16.35 10.33
N GLY A 145 -0.10 17.29 9.40
CA GLY A 145 0.50 17.08 8.10
C GLY A 145 1.44 18.22 7.76
N ASN A 146 2.22 18.00 6.70
CA ASN A 146 3.08 19.02 6.12
C ASN A 146 2.80 19.03 4.63
N PRO A 147 1.66 19.58 4.23
CA PRO A 147 1.16 19.33 2.86
C PRO A 147 2.08 19.80 1.73
N PHE A 148 2.76 20.94 1.88
CA PHE A 148 3.54 21.47 0.76
C PHE A 148 4.98 21.81 1.14
N GLY A 149 5.45 21.43 2.33
CA GLY A 149 6.80 21.75 2.71
C GLY A 149 7.02 23.20 3.08
N VAL A 150 5.95 23.95 3.34
CA VAL A 150 6.07 25.34 3.74
C VAL A 150 5.35 25.55 5.06
N GLY A 151 5.26 24.49 5.87
CA GLY A 151 4.67 24.60 7.18
C GLY A 151 3.68 23.49 7.52
N GLU A 152 3.35 23.36 8.80
CA GLU A 152 2.46 22.30 9.25
C GLU A 152 1.01 22.72 9.09
N SER A 153 0.13 21.71 9.10
CA SER A 153 -1.31 21.91 9.18
C SER A 153 -1.86 20.90 10.17
N VAL A 154 -2.56 21.39 11.20
CA VAL A 154 -3.02 20.57 12.30
C VAL A 154 -4.54 20.68 12.39
N THR A 155 -5.22 19.55 12.48
CA THR A 155 -6.65 19.52 12.71
C THR A 155 -6.95 18.80 14.02
N GLN A 156 -8.02 19.23 14.69
CA GLN A 156 -8.36 18.76 16.02
C GLN A 156 -9.64 17.94 15.98
N GLY A 157 -9.68 16.87 16.77
CA GLY A 157 -10.89 16.09 16.94
C GLY A 157 -10.79 15.11 18.07
N ILE A 158 -11.60 14.05 18.04
CA ILE A 158 -11.53 12.98 19.02
C ILE A 158 -11.38 11.64 18.29
N VAL A 159 -11.05 10.61 19.07
CA VAL A 159 -11.22 9.25 18.57
C VAL A 159 -12.71 8.97 18.44
N SER A 160 -13.18 8.79 17.21
CA SER A 160 -14.60 8.59 16.92
C SER A 160 -15.00 7.13 17.02
N ALA A 161 -14.15 6.22 16.57
CA ALA A 161 -14.45 4.80 16.62
C ALA A 161 -13.14 4.02 16.59
N LEU A 162 -13.18 2.83 17.18
CA LEU A 162 -12.05 1.92 17.20
C LEU A 162 -12.52 0.60 16.59
N ASN A 163 -11.83 0.16 15.55
CA ASN A 163 -12.28 -0.97 14.72
C ASN A 163 -11.23 -2.06 14.74
N LYS A 164 -11.57 -3.21 15.31
CA LYS A 164 -10.71 -4.39 15.30
C LYS A 164 -11.24 -5.38 14.28
N SER A 165 -10.38 -5.80 13.35
CA SER A 165 -10.77 -6.86 12.44
C SER A 165 -10.91 -8.17 13.20
N GLY A 166 -11.67 -9.10 12.63
CA GLY A 166 -11.90 -10.36 13.31
C GLY A 166 -10.66 -11.26 13.38
N ILE A 167 -9.74 -11.12 12.43
CA ILE A 167 -8.81 -12.18 12.09
C ILE A 167 -7.43 -11.67 11.74
N GLY A 168 -6.47 -12.60 11.73
CA GLY A 168 -5.13 -12.34 11.25
C GLY A 168 -4.18 -11.87 12.34
N ILE A 169 -2.96 -11.58 11.89
CA ILE A 169 -1.92 -11.09 12.77
C ILE A 169 -2.28 -9.74 13.39
N ASN A 170 -3.12 -8.96 12.73
CA ASN A 170 -3.55 -7.67 13.25
C ASN A 170 -4.98 -7.73 13.79
N SER A 171 -5.37 -8.87 14.36
CA SER A 171 -6.75 -9.06 14.79
C SER A 171 -7.20 -7.98 15.75
N TYR A 172 -6.33 -7.59 16.68
CA TYR A 172 -6.75 -6.75 17.79
C TYR A 172 -6.16 -5.34 17.70
N GLU A 173 -5.65 -4.96 16.53
CA GLU A 173 -5.20 -3.60 16.30
C GLU A 173 -6.40 -2.68 16.10
N ASN A 174 -6.41 -1.54 16.78
CA ASN A 174 -7.51 -0.58 16.70
C ASN A 174 -7.28 0.33 15.50
N PHE A 175 -8.00 0.09 14.40
CA PHE A 175 -7.96 1.10 13.34
C PHE A 175 -8.83 2.26 13.76
N ILE A 176 -8.32 3.47 13.56
CA ILE A 176 -8.84 4.66 14.22
C ILE A 176 -9.67 5.46 13.23
N GLN A 177 -10.91 5.73 13.60
CA GLN A 177 -11.68 6.79 12.97
C GLN A 177 -11.63 8.02 13.87
N THR A 178 -11.69 9.20 13.26
CA THR A 178 -11.58 10.44 14.00
C THR A 178 -12.28 11.54 13.20
N ASP A 179 -12.82 12.53 13.91
CA ASP A 179 -13.38 13.69 13.22
C ASP A 179 -12.36 14.83 13.09
N ALA A 180 -11.13 14.62 13.54
CA ALA A 180 -10.02 15.42 13.04
C ALA A 180 -9.89 15.17 11.55
N SER A 181 -9.81 16.24 10.77
CA SER A 181 -9.85 16.10 9.33
C SER A 181 -8.61 15.36 8.81
N ILE A 182 -8.86 14.27 8.08
CA ILE A 182 -7.82 13.51 7.39
C ILE A 182 -8.00 13.73 5.90
N ASN A 183 -6.92 14.08 5.21
CA ASN A 183 -7.02 14.54 3.84
C ASN A 183 -5.67 14.29 3.16
N PRO A 184 -5.61 14.40 1.82
CA PRO A 184 -4.32 14.17 1.14
C PRO A 184 -3.21 15.08 1.62
N GLY A 185 -3.53 16.24 2.20
CA GLY A 185 -2.50 17.09 2.76
C GLY A 185 -1.75 16.42 3.88
N ASN A 186 -2.47 15.76 4.79
CA ASN A 186 -1.86 15.15 5.96
C ASN A 186 -1.80 13.63 5.89
N SER A 187 -2.22 13.04 4.78
CA SER A 187 -2.07 11.60 4.61
C SER A 187 -0.60 11.20 4.69
N GLY A 188 -0.32 10.18 5.49
CA GLY A 188 1.04 9.82 5.81
C GLY A 188 1.59 10.55 7.02
N GLY A 189 0.90 11.58 7.50
CA GLY A 189 1.34 12.33 8.65
C GLY A 189 0.97 11.66 9.95
N ALA A 190 1.00 12.44 11.02
CA ALA A 190 0.87 11.90 12.37
C ALA A 190 -0.54 12.12 12.90
N LEU A 191 -1.04 11.16 13.67
CA LEU A 191 -2.23 11.34 14.50
C LEU A 191 -1.79 11.14 15.93
N ILE A 192 -1.85 12.20 16.72
CA ILE A 192 -1.25 12.23 18.05
C ILE A 192 -2.34 12.45 19.09
N ASP A 193 -2.06 12.01 20.31
CA ASP A 193 -2.93 12.25 21.45
C ASP A 193 -2.64 13.63 22.04
N SER A 194 -3.37 13.96 23.11
CA SER A 194 -3.24 15.28 23.73
C SER A 194 -1.89 15.48 24.41
N ARG A 195 -1.09 14.44 24.59
CA ARG A 195 0.24 14.56 25.15
C ARG A 195 1.33 14.51 24.09
N GLY A 196 0.96 14.52 22.81
CA GLY A 196 1.92 14.53 21.73
C GLY A 196 2.46 13.18 21.31
N GLY A 197 1.93 12.09 21.84
CA GLY A 197 2.37 10.75 21.44
C GLY A 197 1.63 10.27 20.21
N LEU A 198 2.37 9.61 19.31
CA LEU A 198 1.77 9.09 18.09
C LEU A 198 0.81 7.97 18.42
N VAL A 199 -0.46 8.12 18.03
CA VAL A 199 -1.40 7.01 18.11
C VAL A 199 -1.72 6.42 16.75
N GLY A 200 -1.37 7.11 15.66
CA GLY A 200 -1.63 6.50 14.36
C GLY A 200 -0.99 7.28 13.24
N ILE A 201 -1.04 6.67 12.06
CA ILE A 201 -0.58 7.30 10.81
C ILE A 201 -1.80 7.61 9.96
N ASN A 202 -1.97 8.89 9.63
CA ASN A 202 -3.13 9.35 8.87
C ASN A 202 -3.17 8.69 7.51
N THR A 203 -4.36 8.27 7.09
CA THR A 203 -4.50 7.59 5.79
C THR A 203 -5.73 8.14 5.09
N ALA A 204 -5.52 8.77 3.95
CA ALA A 204 -6.60 9.35 3.15
C ALA A 204 -6.79 8.57 1.87
N ILE A 205 -8.05 8.31 1.51
CA ILE A 205 -8.40 7.69 0.24
C ILE A 205 -9.89 7.83 -0.02
N ILE A 215 -15.06 9.62 8.36
CA ILE A 215 -14.74 11.00 8.70
C ILE A 215 -13.24 11.12 8.98
N GLY A 216 -12.50 10.05 8.70
CA GLY A 216 -11.06 10.08 8.85
C GLY A 216 -10.51 8.78 9.42
N PHE A 217 -9.48 8.22 8.78
CA PHE A 217 -8.95 6.92 9.17
C PHE A 217 -7.45 7.02 9.46
N ALA A 218 -7.01 6.29 10.48
CA ALA A 218 -5.61 6.24 10.87
C ALA A 218 -5.20 4.81 11.20
N ILE A 219 -4.01 4.44 10.75
CA ILE A 219 -3.44 3.11 11.04
C ILE A 219 -2.83 3.14 12.42
N PRO A 220 -3.19 2.19 13.30
CA PRO A 220 -2.75 2.27 14.71
C PRO A 220 -1.24 2.19 14.86
N SER A 221 -0.73 2.86 15.90
CA SER A 221 0.70 3.07 16.03
C SER A 221 1.46 1.80 16.42
N ASN A 222 0.82 0.85 17.11
CA ASN A 222 1.51 -0.40 17.42
C ASN A 222 1.77 -1.19 16.14
N MET A 223 0.74 -1.32 15.29
CA MET A 223 0.91 -1.95 13.99
C MET A 223 1.96 -1.21 13.16
N VAL A 224 1.99 0.12 13.24
CA VAL A 224 2.97 0.89 12.49
C VAL A 224 4.37 0.59 12.98
N LYS A 225 4.55 0.53 14.30
CA LYS A 225 5.87 0.23 14.86
C LYS A 225 6.35 -1.14 14.40
N ASP A 226 5.48 -2.15 14.48
CA ASP A 226 5.88 -3.49 14.07
C ASP A 226 6.18 -3.53 12.57
N THR A 227 5.36 -2.87 11.77
CA THR A 227 5.56 -2.88 10.32
C THR A 227 6.87 -2.19 9.94
N VAL A 228 7.17 -1.04 10.54
CA VAL A 228 8.40 -0.34 10.19
C VAL A 228 9.61 -1.13 10.69
N THR A 229 9.47 -1.84 11.82
CA THR A 229 10.57 -2.70 12.26
C THR A 229 10.82 -3.84 11.28
N GLN A 230 9.75 -4.45 10.76
CA GLN A 230 9.97 -5.49 9.76
C GLN A 230 10.47 -4.91 8.44
N LEU A 231 10.16 -3.64 8.14
CA LEU A 231 10.57 -3.06 6.86
C LEU A 231 12.01 -2.55 6.87
N ILE A 232 12.50 -2.06 8.02
CA ILE A 232 13.90 -1.67 8.10
C ILE A 232 14.80 -2.89 7.93
N LYS A 233 14.46 -3.96 8.63
CA LYS A 233 14.96 -5.28 8.24
C LYS A 233 14.25 -5.73 6.96
N THR A 234 14.85 -6.69 6.27
CA THR A 234 14.10 -7.54 5.34
C THR A 234 13.55 -6.77 4.13
N GLY A 235 13.54 -5.44 4.20
CA GLY A 235 12.97 -4.62 3.17
C GLY A 235 11.54 -4.90 2.74
N LYS A 236 10.82 -5.79 3.44
CA LYS A 236 9.48 -6.18 2.99
C LYS A 236 8.76 -6.91 4.11
N ILE A 237 7.47 -7.20 3.86
CA ILE A 237 6.65 -8.01 4.75
C ILE A 237 6.43 -9.36 4.06
N GLU A 238 7.02 -10.41 4.61
CA GLU A 238 6.91 -11.74 4.02
C GLU A 238 5.55 -12.36 4.37
N ARG A 239 4.80 -12.76 3.35
CA ARG A 239 3.48 -13.34 3.54
C ARG A 239 3.34 -14.63 2.73
N GLY A 240 2.59 -15.58 3.28
CA GLY A 240 2.31 -16.80 2.55
C GLY A 240 1.33 -16.57 1.41
N TYR A 241 1.42 -17.45 0.42
CA TYR A 241 0.61 -17.34 -0.78
C TYR A 241 0.10 -18.72 -1.18
N LEU A 242 -1.22 -18.82 -1.39
CA LEU A 242 -1.86 -20.07 -1.78
C LEU A 242 -2.03 -20.19 -3.29
N GLY A 243 -2.57 -19.15 -3.93
CA GLY A 243 -2.70 -19.14 -5.38
C GLY A 243 -4.10 -19.36 -5.91
N VAL A 244 -5.10 -18.75 -5.26
CA VAL A 244 -6.49 -18.92 -5.63
C VAL A 244 -7.19 -17.56 -5.67
N GLY A 245 -8.08 -17.39 -6.65
CA GLY A 245 -9.03 -16.30 -6.62
C GLY A 245 -10.32 -16.72 -5.94
N LEU A 246 -10.97 -15.78 -5.27
CA LEU A 246 -11.99 -16.14 -4.31
C LEU A 246 -13.24 -15.27 -4.46
N GLN A 247 -14.38 -15.85 -4.07
CA GLN A 247 -15.67 -15.20 -4.05
C GLN A 247 -16.50 -15.81 -2.92
N ASP A 248 -17.50 -15.06 -2.46
CA ASP A 248 -18.36 -15.52 -1.39
C ASP A 248 -19.58 -16.25 -1.93
N LEU A 249 -20.32 -16.87 -1.01
CA LEU A 249 -21.54 -17.61 -1.34
C LEU A 249 -22.75 -16.70 -1.33
N SER A 250 -23.64 -16.90 -2.31
CA SER A 250 -24.92 -16.18 -2.35
C SER A 250 -26.12 -17.12 -2.26
N GLY A 251 -26.22 -18.09 -3.15
CA GLY A 251 -27.38 -18.97 -3.20
C GLY A 251 -27.04 -20.40 -3.52
N ASP A 252 -25.88 -20.86 -3.08
CA ASP A 252 -25.37 -22.17 -3.46
C ASP A 252 -25.64 -23.18 -2.36
N LEU A 253 -26.31 -24.27 -2.71
CA LEU A 253 -26.64 -25.32 -1.74
C LEU A 253 -26.69 -26.68 -2.42
N ASP A 258 -23.16 -26.76 -2.29
CA ASP A 258 -22.20 -26.32 -1.28
C ASP A 258 -22.76 -26.31 0.13
N ASN A 259 -23.96 -25.72 0.30
CA ASN A 259 -24.68 -25.56 1.56
C ASN A 259 -23.79 -25.38 2.80
N LYS A 260 -22.95 -24.34 2.79
CA LYS A 260 -22.08 -24.01 3.91
C LYS A 260 -21.78 -22.52 3.89
N GLU A 261 -20.74 -22.13 4.59
CA GLU A 261 -20.07 -20.84 4.44
C GLU A 261 -18.61 -21.11 4.08
N GLY A 262 -17.94 -20.09 3.56
CA GLY A 262 -16.54 -20.22 3.19
C GLY A 262 -16.21 -19.38 1.98
N ALA A 263 -15.14 -19.78 1.30
CA ALA A 263 -14.62 -19.05 0.15
C ALA A 263 -14.65 -19.94 -1.08
N VAL A 264 -15.32 -19.47 -2.13
CA VAL A 264 -15.40 -20.20 -3.39
C VAL A 264 -14.17 -19.89 -4.23
N VAL A 265 -13.51 -20.95 -4.71
CA VAL A 265 -12.34 -20.78 -5.56
C VAL A 265 -12.84 -20.55 -6.99
N ILE A 266 -12.55 -19.36 -7.54
CA ILE A 266 -12.95 -19.03 -8.90
C ILE A 266 -11.79 -19.11 -9.89
N SER A 267 -10.56 -19.29 -9.42
CA SER A 267 -9.41 -19.39 -10.30
C SER A 267 -8.26 -20.00 -9.53
N VAL A 268 -7.46 -20.82 -10.22
CA VAL A 268 -6.29 -21.47 -9.64
C VAL A 268 -5.09 -21.09 -10.49
N GLU A 269 -4.20 -20.27 -9.92
CA GLU A 269 -3.03 -19.82 -10.65
C GLU A 269 -2.09 -20.98 -10.95
N LYS A 270 -1.55 -20.98 -12.17
CA LYS A 270 -0.65 -22.04 -12.59
C LYS A 270 0.64 -22.01 -11.78
N ASP A 271 1.22 -23.21 -11.59
CA ASP A 271 2.51 -23.36 -10.91
C ASP A 271 2.46 -22.77 -9.50
N SER A 272 1.32 -22.90 -8.83
CA SER A 272 1.10 -22.42 -7.48
C SER A 272 0.91 -23.58 -6.53
N PRO A 273 1.08 -23.37 -5.22
CA PRO A 273 0.80 -24.47 -4.26
C PRO A 273 -0.60 -25.04 -4.40
N ALA A 274 -1.60 -24.19 -4.62
CA ALA A 274 -2.96 -24.70 -4.80
C ALA A 274 -3.08 -25.56 -6.05
N LYS A 275 -2.42 -25.14 -7.13
CA LYS A 275 -2.46 -25.91 -8.38
C LYS A 275 -1.79 -27.26 -8.19
N LYS A 276 -0.59 -27.27 -7.61
CA LYS A 276 0.16 -28.50 -7.43
C LYS A 276 -0.45 -29.41 -6.37
N ALA A 277 -1.25 -28.85 -5.46
CA ALA A 277 -1.91 -29.68 -4.44
C ALA A 277 -3.17 -30.36 -4.96
N GLY A 278 -3.74 -29.89 -6.06
CA GLY A 278 -4.96 -30.44 -6.59
C GLY A 278 -6.23 -29.70 -6.22
N ILE A 279 -6.16 -28.41 -5.93
CA ILE A 279 -7.37 -27.62 -5.69
C ILE A 279 -7.91 -27.14 -7.02
N LEU A 280 -9.22 -27.32 -7.23
CA LEU A 280 -9.86 -27.01 -8.49
C LEU A 280 -10.78 -25.80 -8.34
N VAL A 281 -11.11 -25.20 -9.48
CA VAL A 281 -12.14 -24.17 -9.51
C VAL A 281 -13.45 -24.76 -8.99
N TRP A 282 -14.20 -23.95 -8.26
CA TRP A 282 -15.49 -24.22 -7.62
C TRP A 282 -15.31 -24.96 -6.30
N ASP A 283 -14.07 -25.17 -5.85
CA ASP A 283 -13.84 -25.68 -4.50
C ASP A 283 -14.25 -24.64 -3.47
N LEU A 284 -14.96 -25.07 -2.44
CA LEU A 284 -15.32 -24.22 -1.31
C LEU A 284 -14.35 -24.48 -0.18
N ILE A 285 -13.46 -23.52 0.07
CA ILE A 285 -12.52 -23.63 1.18
C ILE A 285 -13.25 -23.23 2.45
N THR A 286 -13.41 -24.17 3.37
CA THR A 286 -14.19 -23.95 4.59
C THR A 286 -13.36 -23.83 5.85
N GLU A 287 -12.18 -24.46 5.91
CA GLU A 287 -11.39 -24.46 7.13
C GLU A 287 -9.91 -24.37 6.82
N VAL A 288 -9.17 -23.74 7.73
CA VAL A 288 -7.72 -23.68 7.69
C VAL A 288 -7.19 -24.21 9.01
N ASN A 289 -6.40 -25.29 8.95
CA ASN A 289 -5.80 -25.91 10.13
C ASN A 289 -6.83 -26.23 11.20
N GLY A 290 -8.02 -26.65 10.76
CA GLY A 290 -9.07 -27.04 11.66
C GLY A 290 -9.94 -25.91 12.19
N LYS A 291 -9.72 -24.68 11.76
CA LYS A 291 -10.55 -23.54 12.13
C LYS A 291 -11.31 -23.03 10.91
N LYS A 292 -12.60 -22.77 11.10
CA LYS A 292 -13.46 -22.35 10.00
C LYS A 292 -13.09 -20.96 9.51
N VAL A 293 -13.18 -20.76 8.20
CA VAL A 293 -13.13 -19.43 7.60
C VAL A 293 -14.53 -19.11 7.08
N LYS A 294 -15.08 -18.00 7.55
CA LYS A 294 -16.44 -17.64 7.16
C LYS A 294 -16.51 -17.14 5.73
N ASN A 295 -15.47 -16.44 5.26
CA ASN A 295 -15.52 -15.75 3.99
C ASN A 295 -14.10 -15.60 3.45
N THR A 296 -13.99 -15.02 2.26
CA THR A 296 -12.67 -14.84 1.64
C THR A 296 -11.81 -13.85 2.43
N ASN A 297 -12.44 -12.97 3.22
CA ASN A 297 -11.66 -12.05 4.04
C ASN A 297 -10.85 -12.81 5.08
N GLU A 298 -11.50 -13.72 5.80
CA GLU A 298 -10.80 -14.50 6.81
C GLU A 298 -9.75 -15.41 6.20
N LEU A 299 -10.08 -16.05 5.07
CA LEU A 299 -9.09 -16.89 4.41
C LEU A 299 -7.89 -16.07 3.97
N ARG A 300 -8.14 -14.89 3.41
CA ARG A 300 -7.06 -14.00 2.99
C ARG A 300 -6.16 -13.65 4.17
N ASN A 301 -6.75 -13.23 5.28
CA ASN A 301 -5.93 -12.79 6.40
C ASN A 301 -5.25 -13.92 7.14
N LEU A 302 -5.84 -15.12 7.16
CA LEU A 302 -5.16 -16.24 7.81
C LEU A 302 -4.01 -16.75 6.95
N ILE A 303 -4.19 -16.83 5.63
CA ILE A 303 -3.09 -17.25 4.77
C ILE A 303 -2.00 -16.18 4.76
N GLY A 304 -2.40 -14.91 4.69
CA GLY A 304 -1.44 -13.82 4.68
C GLY A 304 -0.70 -13.62 5.97
N SER A 305 -1.25 -14.14 7.08
CA SER A 305 -0.57 -14.11 8.36
C SER A 305 0.43 -15.25 8.51
N MET A 306 0.57 -16.08 7.50
CA MET A 306 1.49 -17.21 7.51
C MET A 306 2.73 -16.88 6.68
N LEU A 307 3.77 -17.66 6.89
CA LEU A 307 5.04 -17.36 6.24
C LEU A 307 5.19 -18.11 4.93
N PRO A 308 6.05 -17.62 4.05
CA PRO A 308 6.45 -18.43 2.90
C PRO A 308 7.12 -19.72 3.36
N ASN A 309 6.94 -20.77 2.57
CA ASN A 309 7.46 -22.11 2.84
C ASN A 309 6.81 -22.75 4.06
N GLN A 310 5.77 -22.15 4.61
CA GLN A 310 5.10 -22.74 5.76
C GLN A 310 4.05 -23.74 5.30
N ARG A 311 3.92 -24.82 6.06
CA ARG A 311 3.02 -25.92 5.75
C ARG A 311 1.64 -25.63 6.35
N VAL A 312 0.59 -25.84 5.54
CA VAL A 312 -0.77 -25.51 5.93
C VAL A 312 -1.72 -26.57 5.38
N THR A 313 -2.81 -26.82 6.12
CA THR A 313 -3.83 -27.77 5.69
C THR A 313 -5.18 -27.06 5.58
N LEU A 314 -5.97 -27.48 4.60
CA LEU A 314 -7.21 -26.84 4.18
C LEU A 314 -8.31 -27.86 4.03
N LYS A 315 -9.51 -27.52 4.48
CA LYS A 315 -10.69 -28.31 4.20
C LYS A 315 -11.49 -27.67 3.07
N VAL A 316 -11.96 -28.50 2.14
CA VAL A 316 -12.60 -28.07 0.91
C VAL A 316 -13.83 -28.93 0.68
N ILE A 317 -14.84 -28.35 0.06
CA ILE A 317 -16.03 -29.09 -0.34
C ILE A 317 -16.11 -29.08 -1.86
N ARG A 318 -15.89 -30.24 -2.48
CA ARG A 318 -16.14 -30.34 -3.91
C ARG A 318 -17.61 -30.14 -4.18
N ASP A 319 -18.45 -31.15 -3.88
CA ASP A 319 -19.80 -30.96 -3.36
C ASP A 319 -20.47 -32.32 -3.17
N LYS A 320 -21.10 -32.59 -2.03
CA LYS A 320 -20.68 -32.05 -0.74
C LYS A 320 -19.88 -33.16 -0.06
N LYS A 321 -18.71 -33.50 -0.61
CA LYS A 321 -17.79 -34.42 0.05
C LYS A 321 -16.58 -33.63 0.51
N GLU A 322 -16.38 -33.56 1.83
CA GLU A 322 -15.23 -32.88 2.38
C GLU A 322 -13.95 -33.55 1.91
N ARG A 323 -13.01 -32.73 1.43
CA ARG A 323 -11.68 -33.17 1.05
C ARG A 323 -10.65 -32.34 1.80
N ALA A 324 -9.49 -32.93 2.02
CA ALA A 324 -8.42 -32.29 2.78
C ALA A 324 -7.19 -32.13 1.90
N PHE A 325 -6.57 -30.95 1.99
CA PHE A 325 -5.33 -30.68 1.28
C PHE A 325 -4.27 -30.23 2.27
N THR A 326 -3.03 -30.67 2.05
CA THR A 326 -1.91 -30.21 2.85
C THR A 326 -0.80 -29.80 1.90
N LEU A 327 -0.26 -28.59 2.10
CA LEU A 327 0.62 -28.00 1.10
C LEU A 327 1.59 -27.04 1.76
N THR A 328 2.53 -26.55 0.96
CA THR A 328 3.53 -25.58 1.38
C THR A 328 3.25 -24.24 0.71
N LEU A 329 3.17 -23.18 1.49
CA LEU A 329 2.85 -21.86 0.95
C LEU A 329 4.04 -21.28 0.19
N ALA A 330 3.73 -20.41 -0.78
CA ALA A 330 4.67 -19.77 -1.68
C ALA A 330 4.81 -18.29 -1.34
N GLU A 331 5.57 -17.58 -2.17
CA GLU A 331 5.89 -16.15 -1.98
C GLU A 331 6.43 -15.85 -0.59
N THR A 340 3.60 -4.57 -5.84
CA THR A 340 4.51 -4.52 -6.99
C THR A 340 4.72 -3.09 -7.47
N ILE A 341 5.72 -2.42 -6.88
CA ILE A 341 5.98 -1.01 -7.16
C ILE A 341 6.53 -0.85 -8.58
N SER A 342 6.18 0.27 -9.20
CA SER A 342 6.55 0.58 -10.57
C SER A 342 7.48 1.78 -10.61
N ALA A 343 8.09 1.97 -11.78
CA ALA A 343 8.97 3.10 -12.03
C ALA A 343 8.20 4.26 -12.66
N GLN A 344 8.76 5.44 -12.52
CA GLN A 344 8.20 6.68 -13.05
C GLN A 344 9.18 7.28 -14.05
N ASN A 345 8.74 8.33 -14.73
CA ASN A 345 9.66 9.18 -15.47
C ASN A 345 9.23 10.64 -15.29
N GLY A 353 7.81 12.26 -20.26
CA GLY A 353 7.34 12.00 -18.92
C GLY A 353 6.18 11.02 -18.86
N LEU A 354 6.50 9.74 -18.70
CA LEU A 354 5.51 8.66 -18.70
C LEU A 354 5.61 7.86 -17.41
N GLN A 355 4.46 7.51 -16.85
CA GLN A 355 4.41 6.53 -15.77
C GLN A 355 3.64 5.30 -16.21
N VAL A 356 3.97 4.17 -15.59
CA VAL A 356 3.30 2.90 -15.82
C VAL A 356 3.05 2.24 -14.48
N GLU A 357 2.16 1.24 -14.46
CA GLU A 357 1.92 0.46 -13.27
C GLU A 357 1.43 -0.92 -13.69
N ASP A 358 1.59 -1.89 -12.78
CA ASP A 358 1.11 -3.23 -13.03
C ASP A 358 -0.41 -3.29 -13.00
N LEU A 359 -0.95 -4.26 -13.74
CA LEU A 359 -2.39 -4.49 -13.78
C LEU A 359 -2.78 -5.39 -12.61
N THR A 360 -2.92 -4.77 -11.46
CA THR A 360 -3.51 -5.44 -10.32
C THR A 360 -5.01 -5.65 -10.56
N GLN A 361 -5.61 -6.52 -9.76
CA GLN A 361 -7.05 -6.69 -9.84
C GLN A 361 -7.78 -5.39 -9.60
N GLU A 362 -7.24 -4.51 -8.75
CA GLU A 362 -7.78 -3.16 -8.62
C GLU A 362 -7.60 -2.36 -9.90
N THR A 363 -6.43 -2.50 -10.54
CA THR A 363 -6.11 -1.64 -11.68
C THR A 363 -7.00 -1.93 -12.88
N LYS A 364 -7.17 -3.21 -13.21
CA LYS A 364 -8.02 -3.57 -14.35
C LYS A 364 -9.50 -3.30 -14.09
N ARG A 365 -9.85 -2.89 -12.86
CA ARG A 365 -11.22 -2.49 -12.57
C ARG A 365 -11.56 -1.14 -13.19
N SER A 366 -10.62 -0.20 -13.16
CA SER A 366 -10.90 1.19 -13.50
C SER A 366 -11.42 1.37 -14.92
N SER A 370 -8.21 -5.16 -18.69
CA SER A 370 -9.34 -5.63 -17.91
C SER A 370 -9.52 -7.14 -17.96
N ASP A 371 -8.46 -7.90 -17.65
CA ASP A 371 -8.59 -9.33 -17.40
C ASP A 371 -9.16 -10.06 -18.63
N ASP A 372 -8.30 -10.39 -19.60
CA ASP A 372 -6.98 -10.96 -19.31
C ASP A 372 -5.76 -10.18 -19.78
N VAL A 373 -5.84 -8.85 -19.71
CA VAL A 373 -4.79 -8.04 -20.32
C VAL A 373 -3.45 -8.28 -19.60
N GLN A 374 -2.38 -8.29 -20.39
CA GLN A 374 -1.02 -8.47 -19.91
C GLN A 374 -0.17 -7.29 -20.33
N GLY A 375 0.70 -6.85 -19.44
CA GLY A 375 1.50 -5.65 -19.67
C GLY A 375 1.18 -4.57 -18.65
N VAL A 376 1.85 -3.43 -18.83
CA VAL A 376 1.70 -2.29 -17.92
C VAL A 376 0.57 -1.39 -18.41
N LEU A 377 0.03 -0.60 -17.49
CA LEU A 377 -0.92 0.46 -17.83
C LEU A 377 -0.23 1.80 -17.64
N VAL A 378 -0.24 2.62 -18.69
CA VAL A 378 0.31 3.98 -18.60
C VAL A 378 -0.70 4.83 -17.83
N SER A 379 -0.43 5.02 -16.54
CA SER A 379 -1.43 5.61 -15.65
C SER A 379 -1.75 7.04 -16.04
N GLN A 380 -0.74 7.89 -16.18
CA GLN A 380 -0.94 9.27 -16.57
C GLN A 380 0.17 9.69 -17.52
N VAL A 381 -0.15 10.66 -18.38
CA VAL A 381 0.82 11.30 -19.25
C VAL A 381 0.64 12.81 -19.05
N ASN A 382 1.66 13.46 -18.50
CA ASN A 382 1.59 14.91 -18.32
C ASN A 382 1.65 15.63 -19.67
N GLU A 383 1.05 16.81 -19.72
CA GLU A 383 0.88 17.53 -20.97
C GLU A 383 2.22 18.06 -21.49
N ASN A 384 2.35 18.07 -22.81
CA ASN A 384 3.51 18.62 -23.53
C ASN A 384 4.81 17.96 -23.14
N SER A 385 4.76 16.74 -22.61
CA SER A 385 5.95 16.02 -22.24
C SER A 385 6.61 15.38 -23.47
N PRO A 386 7.91 15.08 -23.38
CA PRO A 386 8.58 14.41 -24.50
C PRO A 386 7.99 13.05 -24.84
N ALA A 387 7.22 12.44 -23.93
CA ALA A 387 6.55 11.18 -24.21
C ALA A 387 5.09 11.35 -24.62
N GLU A 388 4.55 12.57 -24.57
CA GLU A 388 3.17 12.75 -25.03
C GLU A 388 3.13 12.97 -26.55
N GLN A 389 4.06 13.76 -27.07
CA GLN A 389 4.21 13.89 -28.52
C GLN A 389 4.73 12.61 -29.17
N ALA A 390 5.21 11.65 -28.38
CA ALA A 390 5.51 10.33 -28.93
C ALA A 390 4.24 9.57 -29.25
N GLY A 391 3.18 9.76 -28.47
CA GLY A 391 1.91 9.12 -28.74
C GLY A 391 1.28 8.43 -27.54
N PHE A 392 1.95 8.48 -26.40
CA PHE A 392 1.43 7.85 -25.19
C PHE A 392 0.29 8.68 -24.60
N ARG A 393 -0.77 7.99 -24.19
CA ARG A 393 -1.91 8.65 -23.57
C ARG A 393 -2.20 7.99 -22.22
N GLN A 394 -3.33 8.34 -21.60
CA GLN A 394 -3.74 7.72 -20.35
C GLN A 394 -4.67 6.56 -20.68
N GLY A 395 -4.47 5.45 -19.96
CA GLY A 395 -5.30 4.28 -20.16
C GLY A 395 -4.82 3.33 -21.24
N ASN A 396 -3.72 3.65 -21.91
CA ASN A 396 -3.16 2.69 -22.86
C ASN A 396 -2.42 1.58 -22.11
N ILE A 397 -2.05 0.55 -22.86
CA ILE A 397 -1.41 -0.62 -22.28
C ILE A 397 -0.23 -1.01 -23.17
N ILE A 398 0.98 -0.93 -22.63
CA ILE A 398 2.17 -1.35 -23.36
C ILE A 398 2.26 -2.87 -23.29
N THR A 399 2.08 -3.52 -24.44
CA THR A 399 2.11 -4.98 -24.49
C THR A 399 3.40 -5.54 -25.06
N LYS A 400 4.10 -4.82 -25.93
CA LYS A 400 5.34 -5.35 -26.47
C LYS A 400 6.38 -4.25 -26.59
N ILE A 401 7.63 -4.57 -26.29
CA ILE A 401 8.75 -3.69 -26.59
C ILE A 401 9.83 -4.52 -27.29
N GLU A 402 10.22 -4.08 -28.49
CA GLU A 402 11.10 -4.84 -29.37
C GLU A 402 10.87 -6.35 -29.27
N GLU A 403 11.80 -7.08 -28.66
CA GLU A 403 11.67 -8.52 -28.52
C GLU A 403 11.15 -8.95 -27.15
N VAL A 404 11.06 -8.04 -26.18
CA VAL A 404 10.53 -8.35 -24.87
C VAL A 404 9.02 -8.16 -24.89
N GLU A 405 8.28 -9.23 -24.61
CA GLU A 405 6.85 -9.14 -24.37
C GLU A 405 6.59 -8.63 -22.96
N VAL A 406 5.95 -7.47 -22.86
CA VAL A 406 5.69 -6.82 -21.58
C VAL A 406 4.46 -7.45 -20.96
N LYS A 407 4.65 -8.13 -19.83
CA LYS A 407 3.55 -8.66 -19.04
C LYS A 407 3.44 -8.00 -17.66
N SER A 408 4.47 -7.27 -17.24
CA SER A 408 4.43 -6.57 -15.96
C SER A 408 5.41 -5.40 -16.03
N VAL A 409 5.49 -4.64 -14.94
CA VAL A 409 6.43 -3.52 -14.86
C VAL A 409 7.87 -4.01 -14.89
N ALA A 410 8.13 -5.19 -14.32
CA ALA A 410 9.48 -5.74 -14.36
C ALA A 410 9.93 -5.98 -15.80
N ASP A 411 9.04 -6.54 -16.63
CA ASP A 411 9.36 -6.72 -18.05
C ASP A 411 9.60 -5.37 -18.71
N PHE A 412 8.77 -4.38 -18.38
CA PHE A 412 8.94 -3.01 -18.89
C PHE A 412 10.34 -2.48 -18.59
N ASN A 413 10.78 -2.60 -17.34
CA ASN A 413 12.09 -2.05 -16.94
C ASN A 413 13.23 -2.84 -17.59
N HIS A 414 13.13 -4.17 -17.61
CA HIS A 414 14.16 -4.97 -18.28
C HIS A 414 14.27 -4.61 -19.75
N ALA A 415 13.14 -4.39 -20.42
CA ALA A 415 13.18 -3.94 -21.80
C ALA A 415 13.83 -2.57 -21.90
N LEU A 416 13.58 -1.70 -20.92
CA LEU A 416 14.12 -0.34 -21.01
C LEU A 416 15.64 -0.32 -20.86
N GLU A 417 16.21 -1.13 -19.96
CA GLU A 417 17.67 -1.13 -19.86
C GLU A 417 18.31 -1.61 -21.17
N LYS A 418 17.80 -2.68 -21.74
CA LYS A 418 18.33 -3.12 -23.03
C LYS A 418 17.99 -2.10 -24.10
N TYR A 419 19.02 -1.51 -24.71
CA TYR A 419 18.89 -0.62 -25.87
C TYR A 419 18.35 0.75 -25.50
N LYS A 420 18.69 1.29 -24.33
CA LYS A 420 18.20 2.61 -23.99
C LYS A 420 18.95 3.66 -24.81
N GLY A 421 18.20 4.66 -25.30
CA GLY A 421 18.74 5.68 -26.20
C GLY A 421 18.81 5.21 -27.65
N LYS A 422 18.88 3.90 -27.82
CA LYS A 422 18.79 3.29 -29.13
C LYS A 422 17.33 3.36 -29.60
N PRO A 423 17.10 3.24 -30.91
CA PRO A 423 15.72 3.18 -31.41
C PRO A 423 14.97 2.01 -30.80
N LYS A 424 13.69 2.24 -30.53
CA LYS A 424 12.93 1.31 -29.69
C LYS A 424 11.48 1.32 -30.13
N ARG A 425 10.92 0.13 -30.36
CA ARG A 425 9.57 -0.02 -30.89
C ARG A 425 8.65 -0.52 -29.80
N PHE A 426 7.62 0.28 -29.48
CA PHE A 426 6.56 -0.15 -28.58
C PHE A 426 5.35 -0.56 -29.40
N LEU A 427 4.78 -1.72 -29.08
CA LEU A 427 3.42 -2.08 -29.46
C LEU A 427 2.54 -1.79 -28.25
N VAL A 428 1.68 -0.77 -28.39
CA VAL A 428 0.87 -0.25 -27.29
C VAL A 428 -0.59 -0.25 -27.72
N LEU A 429 -1.46 -0.76 -26.83
CA LEU A 429 -2.88 -0.88 -27.11
C LEU A 429 -3.65 0.30 -26.52
N ASP A 430 -4.64 0.77 -27.26
CA ASP A 430 -5.63 1.72 -26.78
C ASP A 430 -6.98 1.04 -26.76
N LEU A 431 -7.73 1.20 -25.67
CA LEU A 431 -9.03 0.55 -25.58
C LEU A 431 -9.96 0.98 -26.71
N ASN A 432 -9.77 2.19 -27.22
CA ASN A 432 -10.42 2.69 -28.41
C ASN A 432 -9.33 3.04 -29.41
N GLN A 433 -9.53 2.74 -30.69
CA GLN A 433 -8.59 3.12 -31.74
C GLN A 433 -7.29 2.35 -31.66
N GLY A 434 -7.10 1.66 -30.55
CA GLY A 434 -6.18 0.54 -30.32
C GLY A 434 -4.76 0.48 -30.85
N TYR A 435 -4.33 -0.73 -31.22
CA TYR A 435 -2.93 -1.06 -31.40
C TYR A 435 -2.21 -0.07 -32.29
N ARG A 436 -1.22 0.59 -31.71
CA ARG A 436 -0.39 1.49 -32.46
C ARG A 436 1.06 1.29 -32.02
N ILE A 437 1.95 1.63 -32.94
CA ILE A 437 3.39 1.42 -32.77
C ILE A 437 4.04 2.76 -32.56
N ILE A 438 4.83 2.87 -31.50
CA ILE A 438 5.54 4.10 -31.16
C ILE A 438 7.03 3.82 -31.24
N LEU A 439 7.75 4.62 -32.03
CA LEU A 439 9.20 4.52 -32.14
C LEU A 439 9.79 5.63 -31.28
N VAL A 440 10.28 5.26 -30.10
CA VAL A 440 10.82 6.24 -29.17
C VAL A 440 12.32 6.44 -29.43
N UNK B 1 -10.06 -12.45 -3.82
CA UNK B 1 -9.29 -12.75 -5.02
C UNK B 1 -7.79 -12.74 -4.72
N UNK B 2 -7.06 -13.69 -5.33
CA UNK B 2 -5.61 -13.76 -5.25
C UNK B 2 -5.13 -13.89 -3.80
N UNK B 3 -5.51 -15.02 -3.18
CA UNK B 3 -4.97 -15.37 -1.87
C UNK B 3 -3.91 -16.46 -2.01
#